data_1CI0
#
_entry.id   1CI0
#
_cell.length_a   74.970
_cell.length_b   74.970
_cell.length_c   157.140
_cell.angle_alpha   90.00
_cell.angle_beta   90.00
_cell.angle_gamma   120.00
#
_symmetry.space_group_name_H-M   'P 32 2 1'
#
loop_
_entity.id
_entity.type
_entity.pdbx_description
1 polymer 'PROTEIN (PNP OXIDASE)'
2 non-polymer 'FLAVIN MONONUCLEOTIDE'
3 water water
#
_entity_poly.entity_id   1
_entity_poly.type   'polypeptide(L)'
_entity_poly.pdbx_seq_one_letter_code
;MTKQAEETQKPIIFAPETYQYDKFTLNEKQLTDDPIDLFTKWFNEAKEDPRETLPEAITFSSAELPSGRVSSRILLFKEL
DHRGFTIYSNWGTSRKAHDIATNPNAAIVFFWKDLQRQVRVEGITEHVNRETSERYFKTRPRGSKIGAWASRQSDVIKNR
EELDELTQKNTERFKDAEDIPCPDYWGGLRIVPLEIEFWQGRPSRLHDRFVYRRKTENDPWKVVRLAP
;
_entity_poly.pdbx_strand_id   A,B
#
loop_
_chem_comp.id
_chem_comp.type
_chem_comp.name
_chem_comp.formula
FMN non-polymer 'FLAVIN MONONUCLEOTIDE' 'C17 H21 N4 O9 P'
#
# COMPACT_ATOMS: atom_id res chain seq x y z
N PHE A 24 -14.34 -18.96 0.64
CA PHE A 24 -13.33 -18.25 1.50
C PHE A 24 -12.10 -19.08 1.83
N THR A 25 -11.90 -20.11 1.02
CA THR A 25 -10.74 -20.97 1.13
C THR A 25 -10.21 -20.85 -0.28
N LEU A 26 -8.96 -21.23 -0.49
CA LEU A 26 -8.35 -21.13 -1.80
C LEU A 26 -7.52 -22.35 -2.00
N ASN A 27 -7.81 -23.12 -3.04
CA ASN A 27 -7.06 -24.35 -3.33
C ASN A 27 -6.76 -24.50 -4.81
N GLU A 28 -5.70 -25.26 -5.09
CA GLU A 28 -5.26 -25.54 -6.45
C GLU A 28 -6.41 -25.70 -7.43
N LYS A 29 -7.45 -26.42 -7.02
CA LYS A 29 -8.62 -26.66 -7.86
C LYS A 29 -9.30 -25.38 -8.36
N GLN A 30 -9.30 -24.34 -7.53
CA GLN A 30 -9.95 -23.08 -7.89
C GLN A 30 -9.10 -22.21 -8.82
N LEU A 31 -7.79 -22.47 -8.84
CA LEU A 31 -6.87 -21.70 -9.67
C LEU A 31 -7.26 -21.75 -11.14
N THR A 32 -7.16 -20.60 -11.81
CA THR A 32 -7.49 -20.52 -13.23
C THR A 32 -6.19 -20.57 -14.02
N ASP A 33 -6.30 -20.57 -15.34
CA ASP A 33 -5.11 -20.60 -16.16
C ASP A 33 -4.57 -19.19 -16.20
N ASP A 34 -5.43 -18.25 -16.55
CA ASP A 34 -5.05 -16.84 -16.63
C ASP A 34 -5.38 -16.21 -15.28
N PRO A 35 -4.36 -15.80 -14.51
CA PRO A 35 -4.63 -15.17 -13.21
C PRO A 35 -5.74 -14.12 -13.29
N ILE A 36 -5.84 -13.46 -14.44
CA ILE A 36 -6.85 -12.44 -14.66
C ILE A 36 -8.25 -12.94 -14.43
N ASP A 37 -8.46 -14.24 -14.64
CA ASP A 37 -9.77 -14.83 -14.44
C ASP A 37 -10.07 -14.82 -12.95
N LEU A 38 -9.18 -15.42 -12.18
CA LEU A 38 -9.36 -15.46 -10.75
C LEU A 38 -9.49 -14.04 -10.18
N PHE A 39 -8.85 -13.05 -10.81
CA PHE A 39 -8.96 -11.69 -10.31
C PHE A 39 -10.38 -11.20 -10.46
N THR A 40 -10.90 -11.27 -11.68
CA THR A 40 -12.26 -10.81 -11.95
C THR A 40 -13.27 -11.47 -11.04
N LYS A 41 -13.11 -12.78 -10.87
CA LYS A 41 -13.99 -13.56 -10.01
C LYS A 41 -14.00 -12.93 -8.62
N TRP A 42 -12.82 -12.80 -8.04
CA TRP A 42 -12.65 -12.21 -6.72
C TRP A 42 -13.13 -10.75 -6.64
N PHE A 43 -12.85 -9.99 -7.70
CA PHE A 43 -13.25 -8.60 -7.70
C PHE A 43 -14.77 -8.50 -7.76
N ASN A 44 -15.37 -9.26 -8.67
CA ASN A 44 -16.83 -9.24 -8.80
C ASN A 44 -17.49 -9.62 -7.46
N GLU A 45 -16.92 -10.60 -6.77
CA GLU A 45 -17.45 -11.03 -5.48
C GLU A 45 -17.40 -9.86 -4.50
N ALA A 46 -16.30 -9.10 -4.54
CA ALA A 46 -16.11 -7.94 -3.66
C ALA A 46 -17.12 -6.83 -3.94
N LYS A 47 -17.42 -6.60 -5.20
CA LYS A 47 -18.42 -5.60 -5.61
C LYS A 47 -19.81 -6.11 -5.19
N GLU A 48 -20.02 -7.42 -5.32
CA GLU A 48 -21.28 -8.07 -4.95
C GLU A 48 -21.51 -7.97 -3.44
N ASP A 49 -20.44 -8.13 -2.69
CA ASP A 49 -20.52 -8.05 -1.24
C ASP A 49 -20.72 -6.62 -0.75
N PRO A 50 -21.77 -6.41 0.04
CA PRO A 50 -22.14 -5.12 0.60
C PRO A 50 -21.25 -4.72 1.77
N ARG A 51 -20.45 -5.68 2.24
CA ARG A 51 -19.50 -5.46 3.33
C ARG A 51 -18.34 -4.68 2.77
N GLU A 52 -17.99 -4.98 1.53
CA GLU A 52 -16.91 -4.29 0.85
C GLU A 52 -17.53 -3.12 0.09
N THR A 53 -17.41 -1.94 0.71
CA THR A 53 -17.97 -0.71 0.15
C THR A 53 -17.12 0.07 -0.87
N LEU A 54 -15.85 -0.28 -0.98
CA LEU A 54 -14.97 0.39 -1.94
C LEU A 54 -13.93 -0.58 -2.45
N PRO A 55 -14.38 -1.64 -3.13
CA PRO A 55 -13.48 -2.67 -3.67
C PRO A 55 -12.42 -2.26 -4.72
N GLU A 56 -12.54 -1.06 -5.29
CA GLU A 56 -11.55 -0.62 -6.29
C GLU A 56 -10.40 0.13 -5.62
N ALA A 57 -10.54 0.41 -4.33
CA ALA A 57 -9.51 1.13 -3.59
C ALA A 57 -8.27 0.25 -3.52
N ILE A 58 -7.12 0.84 -3.79
CA ILE A 58 -5.85 0.12 -3.76
C ILE A 58 -4.73 1.01 -3.27
N THR A 59 -3.60 0.40 -2.95
CA THR A 59 -2.44 1.14 -2.52
C THR A 59 -1.49 1.06 -3.70
N PHE A 60 -1.15 2.20 -4.28
CA PHE A 60 -0.25 2.20 -5.42
C PHE A 60 1.15 2.57 -4.93
N SER A 61 2.03 1.58 -4.91
CA SER A 61 3.39 1.81 -4.46
C SER A 61 4.34 1.99 -5.63
N SER A 62 5.30 2.89 -5.46
CA SER A 62 6.27 3.15 -6.50
C SER A 62 7.56 3.49 -5.79
N ALA A 63 8.64 3.59 -6.55
CA ALA A 63 9.91 3.92 -5.95
C ALA A 63 10.80 4.65 -6.94
N GLU A 64 11.58 5.58 -6.42
CA GLU A 64 12.49 6.37 -7.24
C GLU A 64 13.76 5.51 -7.42
N LEU A 65 13.96 5.10 -8.66
CA LEU A 65 15.04 4.18 -9.02
C LEU A 65 16.47 4.49 -8.63
N PRO A 66 16.94 5.73 -8.82
CA PRO A 66 18.34 5.87 -8.40
C PRO A 66 18.49 5.67 -6.90
N SER A 67 17.85 6.57 -6.14
CA SER A 67 17.92 6.54 -4.69
C SER A 67 17.33 5.31 -4.02
N GLY A 68 16.24 4.80 -4.59
CA GLY A 68 15.61 3.63 -3.99
C GLY A 68 14.65 4.01 -2.87
N ARG A 69 14.12 5.23 -2.97
CA ARG A 69 13.17 5.72 -1.98
C ARG A 69 11.78 5.25 -2.38
N VAL A 70 11.03 4.74 -1.40
CA VAL A 70 9.69 4.23 -1.64
C VAL A 70 8.59 5.18 -1.23
N SER A 71 7.61 5.34 -2.10
CA SER A 71 6.46 6.19 -1.82
C SER A 71 5.24 5.37 -2.14
N SER A 72 4.13 5.67 -1.47
CA SER A 72 2.88 4.96 -1.66
C SER A 72 1.70 5.83 -1.30
N ARG A 73 0.57 5.57 -1.95
CA ARG A 73 -0.66 6.32 -1.70
C ARG A 73 -1.87 5.52 -2.15
N ILE A 74 -3.05 5.93 -1.71
CA ILE A 74 -4.27 5.23 -2.07
C ILE A 74 -4.86 5.77 -3.37
N LEU A 75 -5.31 4.87 -4.23
CA LEU A 75 -5.93 5.26 -5.48
C LEU A 75 -7.05 4.28 -5.77
N LEU A 76 -7.77 4.52 -6.86
CA LEU A 76 -8.86 3.65 -7.24
C LEU A 76 -8.48 2.87 -8.47
N PHE A 77 -8.76 1.58 -8.46
CA PHE A 77 -8.48 0.76 -9.63
C PHE A 77 -9.63 1.05 -10.60
N LYS A 78 -9.32 1.24 -11.88
CA LYS A 78 -10.37 1.54 -12.85
C LYS A 78 -10.82 0.28 -13.59
N GLU A 79 -9.91 -0.35 -14.30
CA GLU A 79 -10.26 -1.56 -15.04
C GLU A 79 -9.05 -2.21 -15.71
N LEU A 80 -9.22 -3.45 -16.15
CA LEU A 80 -8.16 -4.14 -16.85
C LEU A 80 -8.37 -3.83 -18.32
N ASP A 81 -7.33 -4.04 -19.13
CA ASP A 81 -7.42 -3.86 -20.57
C ASP A 81 -6.64 -5.03 -21.17
N HIS A 82 -6.37 -4.99 -22.47
CA HIS A 82 -5.65 -6.08 -23.13
C HIS A 82 -4.31 -6.51 -22.50
N ARG A 83 -3.65 -5.60 -21.80
CA ARG A 83 -2.34 -5.91 -21.21
C ARG A 83 -2.15 -5.91 -19.71
N GLY A 84 -2.91 -5.11 -18.96
CA GLY A 84 -2.73 -5.10 -17.51
C GLY A 84 -3.77 -4.36 -16.70
N PHE A 85 -3.39 -3.94 -15.49
CA PHE A 85 -4.29 -3.21 -14.59
C PHE A 85 -4.16 -1.71 -14.79
N THR A 86 -5.27 -1.03 -15.01
CA THR A 86 -5.22 0.41 -15.22
C THR A 86 -5.75 1.31 -14.08
N ILE A 87 -5.09 2.46 -13.91
CA ILE A 87 -5.43 3.43 -12.87
C ILE A 87 -5.29 4.82 -13.45
N TYR A 88 -6.25 5.69 -13.18
CA TYR A 88 -6.20 7.04 -13.70
C TYR A 88 -5.91 8.06 -12.61
N SER A 89 -5.00 8.98 -12.94
CA SER A 89 -4.58 10.03 -12.03
C SER A 89 -3.65 11.02 -12.78
N ASN A 90 -2.89 11.81 -12.03
CA ASN A 90 -1.95 12.76 -12.62
C ASN A 90 -0.62 12.02 -12.71
N TRP A 91 -0.19 11.66 -13.91
CA TRP A 91 1.07 10.95 -14.06
C TRP A 91 2.15 11.82 -14.69
N GLY A 92 2.10 13.12 -14.40
CA GLY A 92 3.08 14.04 -14.95
C GLY A 92 3.81 14.82 -13.88
N THR A 93 3.08 15.63 -13.11
CA THR A 93 3.69 16.46 -12.06
C THR A 93 3.73 15.90 -10.63
N SER A 94 2.90 14.89 -10.36
CA SER A 94 2.83 14.32 -9.02
C SER A 94 4.06 13.52 -8.64
N ARG A 95 4.15 13.17 -7.36
CA ARG A 95 5.25 12.40 -6.83
C ARG A 95 5.32 11.04 -7.54
N LYS A 96 4.18 10.36 -7.62
CA LYS A 96 4.15 9.06 -8.27
C LYS A 96 4.62 9.14 -9.72
N ALA A 97 4.38 10.27 -10.38
CA ALA A 97 4.80 10.45 -11.76
C ALA A 97 6.31 10.51 -11.79
N HIS A 98 6.91 11.24 -10.85
CA HIS A 98 8.36 11.36 -10.81
C HIS A 98 9.08 10.06 -10.47
N ASP A 99 8.41 9.16 -9.76
CA ASP A 99 9.00 7.88 -9.39
C ASP A 99 8.97 7.00 -10.63
N ILE A 100 7.79 6.94 -11.22
CA ILE A 100 7.57 6.15 -12.41
C ILE A 100 8.49 6.58 -13.54
N ALA A 101 8.63 7.90 -13.70
CA ALA A 101 9.46 8.48 -14.75
C ALA A 101 10.88 7.95 -14.66
N THR A 102 11.34 7.74 -13.43
CA THR A 102 12.68 7.24 -13.18
C THR A 102 12.73 5.73 -13.06
N ASN A 103 11.57 5.10 -12.90
CA ASN A 103 11.52 3.66 -12.70
C ASN A 103 10.17 3.09 -13.06
N PRO A 104 10.01 2.59 -14.29
CA PRO A 104 8.73 2.01 -14.75
C PRO A 104 8.42 0.68 -14.09
N ASN A 105 8.20 0.74 -12.79
CA ASN A 105 7.88 -0.43 -12.00
C ASN A 105 6.92 0.04 -10.93
N ALA A 106 5.95 -0.80 -10.58
CA ALA A 106 4.98 -0.44 -9.57
C ALA A 106 4.30 -1.66 -9.00
N ALA A 107 3.62 -1.47 -7.88
CA ALA A 107 2.89 -2.53 -7.19
C ALA A 107 1.60 -1.97 -6.63
N ILE A 108 0.54 -2.75 -6.67
CA ILE A 108 -0.73 -2.32 -6.12
C ILE A 108 -1.31 -3.48 -5.32
N VAL A 109 -2.00 -3.14 -4.24
CA VAL A 109 -2.63 -4.14 -3.39
C VAL A 109 -4.11 -3.85 -3.30
N PHE A 110 -4.90 -4.92 -3.30
CA PHE A 110 -6.33 -4.82 -3.17
C PHE A 110 -6.45 -5.50 -1.82
N PHE A 111 -7.15 -4.87 -0.90
CA PHE A 111 -7.34 -5.48 0.42
C PHE A 111 -8.81 -5.43 0.82
N TRP A 112 -9.44 -6.60 0.89
CA TRP A 112 -10.84 -6.69 1.26
C TRP A 112 -10.94 -7.27 2.67
N LYS A 113 -10.80 -6.38 3.65
CA LYS A 113 -10.82 -6.69 5.09
C LYS A 113 -11.80 -7.75 5.53
N ASP A 114 -13.07 -7.53 5.19
CA ASP A 114 -14.13 -8.44 5.57
C ASP A 114 -14.07 -9.76 4.87
N LEU A 115 -13.71 -9.74 3.59
CA LEU A 115 -13.60 -10.97 2.82
C LEU A 115 -12.28 -11.66 3.16
N GLN A 116 -11.49 -11.00 4.01
CA GLN A 116 -10.19 -11.52 4.44
C GLN A 116 -9.31 -11.85 3.25
N ARG A 117 -9.41 -11.06 2.19
CA ARG A 117 -8.63 -11.28 0.97
C ARG A 117 -7.76 -10.10 0.60
N GLN A 118 -6.62 -10.42 -0.02
CA GLN A 118 -5.69 -9.39 -0.44
C GLN A 118 -5.06 -9.87 -1.75
N VAL A 119 -5.05 -8.99 -2.75
CA VAL A 119 -4.46 -9.34 -4.03
C VAL A 119 -3.30 -8.41 -4.29
N ARG A 120 -2.18 -8.99 -4.71
CA ARG A 120 -0.98 -8.22 -4.99
C ARG A 120 -0.56 -8.29 -6.45
N VAL A 121 -0.54 -7.13 -7.11
CA VAL A 121 -0.11 -7.09 -8.50
C VAL A 121 1.22 -6.36 -8.53
N GLU A 122 2.19 -6.93 -9.23
CA GLU A 122 3.50 -6.31 -9.34
C GLU A 122 3.98 -6.49 -10.77
N GLY A 123 4.20 -5.38 -11.46
CA GLY A 123 4.65 -5.41 -12.85
C GLY A 123 5.27 -4.11 -13.32
N ILE A 124 5.52 -4.01 -14.63
CA ILE A 124 6.10 -2.82 -15.24
C ILE A 124 4.99 -1.85 -15.64
N THR A 125 5.24 -0.56 -15.49
CA THR A 125 4.22 0.43 -15.81
C THR A 125 4.27 0.94 -17.24
N GLU A 126 3.11 1.32 -17.75
CA GLU A 126 2.96 1.84 -19.10
C GLU A 126 1.87 2.90 -19.11
N HIS A 127 2.08 3.92 -19.92
CA HIS A 127 1.11 4.99 -20.02
C HIS A 127 0.01 4.58 -20.99
N VAL A 128 -1.21 4.65 -20.51
CA VAL A 128 -2.36 4.29 -21.32
C VAL A 128 -2.50 5.20 -22.54
N ASN A 129 -3.15 4.67 -23.57
CA ASN A 129 -3.41 5.38 -24.82
C ASN A 129 -3.99 6.79 -24.58
N ARG A 130 -3.46 7.79 -25.27
CA ARG A 130 -3.93 9.16 -25.10
C ARG A 130 -5.41 9.33 -25.42
N GLU A 131 -5.91 8.50 -26.32
CA GLU A 131 -7.33 8.55 -26.68
C GLU A 131 -8.14 8.18 -25.45
N THR A 132 -7.95 6.94 -25.00
CA THR A 132 -8.64 6.42 -23.81
C THR A 132 -8.54 7.38 -22.62
N SER A 133 -7.33 7.89 -22.37
CA SER A 133 -7.11 8.82 -21.28
C SER A 133 -8.11 9.96 -21.39
N GLU A 134 -8.23 10.53 -22.58
CA GLU A 134 -9.16 11.63 -22.85
C GLU A 134 -10.62 11.16 -22.74
N ARG A 135 -10.89 10.02 -23.36
CA ARG A 135 -12.23 9.44 -23.37
C ARG A 135 -12.83 9.37 -21.97
N TYR A 136 -12.09 8.77 -21.05
CA TYR A 136 -12.54 8.62 -19.67
C TYR A 136 -12.52 9.94 -18.90
N PHE A 137 -11.66 10.87 -19.33
CA PHE A 137 -11.60 12.17 -18.68
C PHE A 137 -12.91 12.90 -18.95
N LYS A 138 -13.50 12.67 -20.12
CA LYS A 138 -14.76 13.30 -20.49
C LYS A 138 -15.91 12.87 -19.59
N THR A 139 -15.98 11.56 -19.31
CA THR A 139 -17.03 11.00 -18.47
C THR A 139 -17.05 11.60 -17.06
N ARG A 140 -15.89 12.02 -16.57
CA ARG A 140 -15.78 12.60 -15.23
C ARG A 140 -16.66 13.85 -15.09
N PRO A 141 -17.18 14.10 -13.87
CA PRO A 141 -18.04 15.27 -13.65
C PRO A 141 -17.32 16.56 -14.02
N ARG A 142 -18.09 17.59 -14.35
CA ARG A 142 -17.52 18.87 -14.73
C ARG A 142 -16.66 19.46 -13.63
N GLY A 143 -17.16 19.42 -12.41
CA GLY A 143 -16.39 19.95 -11.29
C GLY A 143 -15.04 19.25 -11.26
N SER A 144 -15.03 17.95 -11.54
CA SER A 144 -13.80 17.18 -11.56
C SER A 144 -12.91 17.64 -12.70
N LYS A 145 -13.44 17.63 -13.92
CA LYS A 145 -12.68 18.05 -15.08
C LYS A 145 -11.94 19.37 -14.82
N ILE A 146 -12.64 20.31 -14.18
CA ILE A 146 -12.04 21.60 -13.86
C ILE A 146 -10.97 21.46 -12.77
N GLY A 147 -11.28 20.65 -11.76
CA GLY A 147 -10.33 20.44 -10.68
C GLY A 147 -9.00 19.93 -11.18
N ALA A 148 -9.03 19.15 -12.26
CA ALA A 148 -7.80 18.60 -12.83
C ALA A 148 -6.87 19.72 -13.22
N TRP A 149 -7.42 20.71 -13.91
CA TRP A 149 -6.67 21.86 -14.37
C TRP A 149 -6.14 22.76 -13.25
N ALA A 150 -7.04 23.10 -12.34
CA ALA A 150 -6.70 23.99 -11.23
C ALA A 150 -5.65 23.43 -10.27
N SER A 151 -5.72 22.13 -10.00
CA SER A 151 -4.78 21.51 -9.07
C SER A 151 -3.57 20.82 -9.70
N ARG A 152 -2.39 21.32 -9.37
CA ARG A 152 -1.14 20.74 -9.86
C ARG A 152 -0.73 19.76 -8.77
N GLN A 153 -1.37 18.59 -8.79
CA GLN A 153 -1.15 17.54 -7.80
C GLN A 153 0.25 17.42 -7.21
N SER A 154 0.30 17.39 -5.88
CA SER A 154 1.54 17.26 -5.11
C SER A 154 2.43 18.50 -5.08
N ASP A 155 2.08 19.52 -5.86
CA ASP A 155 2.87 20.74 -5.86
C ASP A 155 2.63 21.42 -4.53
N VAL A 156 3.59 22.24 -4.09
CA VAL A 156 3.43 22.96 -2.83
C VAL A 156 2.62 24.25 -3.04
N ILE A 157 1.76 24.55 -2.09
CA ILE A 157 0.94 25.76 -2.14
C ILE A 157 0.94 26.49 -0.80
N LYS A 158 0.46 27.74 -0.82
CA LYS A 158 0.42 28.56 0.38
C LYS A 158 -0.68 28.13 1.35
N ASN A 159 -1.87 27.90 0.81
CA ASN A 159 -3.01 27.52 1.62
C ASN A 159 -4.24 27.21 0.77
N ARG A 160 -5.36 27.02 1.44
CA ARG A 160 -6.62 26.74 0.77
C ARG A 160 -6.90 27.86 -0.21
N GLU A 161 -6.80 29.09 0.27
CA GLU A 161 -7.04 30.28 -0.53
C GLU A 161 -6.36 30.16 -1.89
N GLU A 162 -5.05 29.95 -1.89
CA GLU A 162 -4.35 29.80 -3.17
C GLU A 162 -5.09 28.78 -4.05
N LEU A 163 -5.46 27.68 -3.41
CA LEU A 163 -6.17 26.60 -4.07
C LEU A 163 -7.47 27.07 -4.70
N ASP A 164 -8.35 27.65 -3.89
CA ASP A 164 -9.64 28.16 -4.36
C ASP A 164 -9.46 29.20 -5.46
N GLU A 165 -8.52 30.12 -5.24
CA GLU A 165 -8.25 31.17 -6.21
C GLU A 165 -8.07 30.50 -7.57
N LEU A 166 -7.36 29.38 -7.56
CA LEU A 166 -7.11 28.61 -8.77
C LEU A 166 -8.38 27.94 -9.30
N THR A 167 -9.15 27.35 -8.39
CA THR A 167 -10.40 26.70 -8.77
C THR A 167 -11.24 27.77 -9.44
N GLN A 168 -11.53 28.84 -8.69
CA GLN A 168 -12.33 29.95 -9.20
C GLN A 168 -11.86 30.39 -10.58
N LYS A 169 -10.58 30.72 -10.69
CA LYS A 169 -10.01 31.17 -11.96
C LYS A 169 -10.31 30.21 -13.09
N ASN A 170 -10.12 28.92 -12.84
CA ASN A 170 -10.38 27.90 -13.84
C ASN A 170 -11.86 27.72 -14.10
N THR A 171 -12.66 27.74 -13.04
CA THR A 171 -14.10 27.58 -13.21
C THR A 171 -14.55 28.70 -14.13
N GLU A 172 -13.96 29.88 -13.95
CA GLU A 172 -14.27 31.04 -14.77
C GLU A 172 -13.60 30.89 -16.14
N ARG A 173 -12.38 30.35 -16.14
CA ARG A 173 -11.62 30.16 -17.38
C ARG A 173 -12.38 29.28 -18.36
N PHE A 174 -12.93 28.17 -17.86
CA PHE A 174 -13.68 27.25 -18.71
C PHE A 174 -15.20 27.45 -18.64
N LYS A 175 -15.63 28.53 -18.00
CA LYS A 175 -17.06 28.85 -17.86
C LYS A 175 -17.75 28.85 -19.22
N ASP A 176 -17.13 29.50 -20.20
CA ASP A 176 -17.65 29.55 -21.56
C ASP A 176 -17.07 28.37 -22.33
N ALA A 177 -17.57 27.17 -22.05
CA ALA A 177 -17.09 25.96 -22.71
C ALA A 177 -17.88 24.70 -22.33
N GLU A 178 -18.48 24.06 -23.32
CA GLU A 178 -19.27 22.85 -23.10
C GLU A 178 -18.39 21.79 -22.45
N ASP A 179 -17.60 21.09 -23.25
CA ASP A 179 -16.71 20.04 -22.75
C ASP A 179 -15.35 20.61 -22.35
N ILE A 180 -14.87 20.28 -21.15
CA ILE A 180 -13.58 20.75 -20.66
C ILE A 180 -12.46 19.84 -21.20
N PRO A 181 -11.36 20.43 -21.72
CA PRO A 181 -10.22 19.68 -22.27
C PRO A 181 -9.40 18.92 -21.24
N CYS A 182 -8.72 17.87 -21.68
CA CYS A 182 -7.92 17.05 -20.78
C CYS A 182 -6.48 17.53 -20.64
N PRO A 183 -6.00 17.68 -19.39
CA PRO A 183 -4.63 18.13 -19.20
C PRO A 183 -3.64 17.08 -19.71
N ASP A 184 -2.47 17.52 -20.16
CA ASP A 184 -1.47 16.59 -20.65
C ASP A 184 -1.00 15.66 -19.54
N TYR A 185 -0.92 16.17 -18.31
CA TYR A 185 -0.45 15.40 -17.15
C TYR A 185 -1.45 14.43 -16.53
N TRP A 186 -2.70 14.50 -16.95
CA TRP A 186 -3.72 13.59 -16.44
C TRP A 186 -3.96 12.50 -17.47
N GLY A 187 -4.31 11.31 -16.99
CA GLY A 187 -4.57 10.22 -17.90
C GLY A 187 -4.44 8.89 -17.21
N GLY A 188 -4.40 7.81 -18.00
CA GLY A 188 -4.27 6.50 -17.43
C GLY A 188 -2.87 5.93 -17.52
N LEU A 189 -2.59 4.96 -16.65
CA LEU A 189 -1.30 4.27 -16.61
C LEU A 189 -1.67 2.84 -16.32
N ARG A 190 -0.95 1.88 -16.90
CA ARG A 190 -1.26 0.49 -16.68
C ARG A 190 -0.06 -0.27 -16.15
N ILE A 191 -0.34 -1.27 -15.32
CA ILE A 191 0.68 -2.11 -14.77
C ILE A 191 0.55 -3.42 -15.49
N VAL A 192 1.63 -3.83 -16.14
CA VAL A 192 1.69 -5.10 -16.86
C VAL A 192 2.26 -6.04 -15.79
N PRO A 193 1.41 -6.93 -15.26
CA PRO A 193 1.80 -7.89 -14.22
C PRO A 193 2.93 -8.89 -14.52
N LEU A 194 3.78 -9.08 -13.52
CA LEU A 194 4.88 -10.02 -13.61
C LEU A 194 4.69 -10.94 -12.42
N GLU A 195 3.86 -10.49 -11.48
CA GLU A 195 3.54 -11.24 -10.28
C GLU A 195 2.19 -10.82 -9.77
N ILE A 196 1.34 -11.80 -9.54
CA ILE A 196 0.02 -11.55 -9.00
C ILE A 196 -0.15 -12.55 -7.87
N GLU A 197 -0.43 -12.07 -6.66
CA GLU A 197 -0.63 -12.99 -5.55
C GLU A 197 -2.05 -12.94 -5.00
N PHE A 198 -2.59 -14.13 -4.78
CA PHE A 198 -3.92 -14.28 -4.23
C PHE A 198 -3.70 -14.80 -2.81
N TRP A 199 -4.05 -13.96 -1.84
CA TRP A 199 -3.90 -14.28 -0.42
C TRP A 199 -5.30 -14.37 0.18
N GLN A 200 -5.55 -15.45 0.91
CA GLN A 200 -6.84 -15.66 1.56
C GLN A 200 -6.55 -16.01 3.01
N GLY A 201 -6.93 -15.12 3.92
CA GLY A 201 -6.67 -15.35 5.33
C GLY A 201 -7.62 -16.30 6.05
N ARG A 202 -7.08 -17.02 7.04
CA ARG A 202 -7.83 -17.96 7.86
C ARG A 202 -7.49 -17.62 9.30
N PRO A 203 -8.50 -17.49 10.17
CA PRO A 203 -8.24 -17.17 11.57
C PRO A 203 -7.15 -18.08 12.17
N SER A 204 -6.87 -19.16 11.46
CA SER A 204 -5.85 -20.13 11.86
C SER A 204 -4.44 -19.57 11.65
N ARG A 205 -4.34 -18.44 10.94
CA ARG A 205 -3.08 -17.77 10.63
C ARG A 205 -2.33 -18.48 9.49
N LEU A 206 -2.84 -19.65 9.10
CA LEU A 206 -2.26 -20.44 8.02
C LEU A 206 -3.00 -20.10 6.73
N HIS A 207 -2.89 -18.84 6.32
CA HIS A 207 -3.55 -18.36 5.11
C HIS A 207 -3.14 -19.08 3.85
N ASP A 208 -4.04 -19.11 2.88
CA ASP A 208 -3.78 -19.73 1.58
C ASP A 208 -3.09 -18.67 0.71
N ARG A 209 -1.89 -19.00 0.22
CA ARG A 209 -1.13 -18.06 -0.60
C ARG A 209 -0.81 -18.68 -1.94
N PHE A 210 -1.16 -17.99 -3.02
CA PHE A 210 -0.84 -18.46 -4.37
C PHE A 210 -0.30 -17.27 -5.16
N VAL A 211 0.81 -17.46 -5.86
CA VAL A 211 1.37 -16.39 -6.64
C VAL A 211 1.74 -16.80 -8.07
N TYR A 212 1.20 -16.06 -9.04
CA TYR A 212 1.45 -16.31 -10.44
C TYR A 212 2.67 -15.47 -10.83
N ARG A 213 3.58 -16.02 -11.62
CA ARG A 213 4.75 -15.25 -12.06
C ARG A 213 5.29 -15.62 -13.43
N ARG A 214 5.87 -14.61 -14.07
CA ARG A 214 6.52 -14.73 -15.37
C ARG A 214 7.63 -13.68 -15.36
N LYS A 215 8.86 -14.12 -15.63
CA LYS A 215 9.99 -13.20 -15.66
C LYS A 215 9.74 -12.09 -16.67
N THR A 216 9.02 -12.46 -17.73
CA THR A 216 8.73 -11.52 -18.80
C THR A 216 7.26 -11.55 -19.19
N GLU A 217 6.81 -10.46 -19.78
CA GLU A 217 5.44 -10.33 -20.22
C GLU A 217 5.19 -11.38 -21.32
N ASN A 218 6.26 -12.02 -21.78
CA ASN A 218 6.16 -13.04 -22.83
C ASN A 218 6.52 -14.43 -22.31
N ASP A 219 6.46 -14.62 -21.00
CA ASP A 219 6.76 -15.91 -20.42
C ASP A 219 5.49 -16.50 -19.81
N PRO A 220 5.26 -17.80 -20.05
CA PRO A 220 4.06 -18.41 -19.47
C PRO A 220 3.98 -18.20 -17.97
N TRP A 221 2.78 -17.91 -17.50
CA TRP A 221 2.50 -17.70 -16.08
C TRP A 221 2.83 -18.97 -15.31
N LYS A 222 3.27 -18.86 -14.06
CA LYS A 222 3.58 -20.04 -13.26
C LYS A 222 3.01 -19.91 -11.85
N VAL A 223 2.15 -20.84 -11.45
CA VAL A 223 1.57 -20.78 -10.10
C VAL A 223 2.31 -21.60 -9.08
N VAL A 224 2.35 -21.07 -7.86
CA VAL A 224 3.06 -21.73 -6.78
C VAL A 224 2.42 -21.35 -5.44
N ARG A 225 2.61 -22.21 -4.44
CA ARG A 225 2.05 -21.98 -3.11
C ARG A 225 3.12 -21.41 -2.20
N LEU A 226 2.81 -20.29 -1.56
CA LEU A 226 3.77 -19.67 -0.67
C LEU A 226 3.39 -19.86 0.79
N ALA A 227 4.41 -19.97 1.64
CA ALA A 227 4.17 -20.13 3.06
C ALA A 227 3.64 -18.78 3.57
N PRO A 228 2.62 -18.81 4.46
CA PRO A 228 2.04 -17.58 4.98
C PRO A 228 2.97 -16.89 5.97
N THR B 25 -11.76 19.12 10.12
CA THR B 25 -10.96 19.13 8.86
C THR B 25 -9.46 19.17 9.19
N LEU B 26 -8.67 19.82 8.33
CA LEU B 26 -7.24 19.93 8.58
C LEU B 26 -6.70 21.29 8.17
N ASN B 27 -6.25 22.08 9.14
CA ASN B 27 -5.71 23.40 8.87
C ASN B 27 -4.46 23.69 9.69
N GLU B 28 -3.65 24.60 9.17
CA GLU B 28 -2.40 25.02 9.78
C GLU B 28 -2.50 25.06 11.30
N LYS B 29 -3.61 25.58 11.80
CA LYS B 29 -3.84 25.70 13.24
C LYS B 29 -3.76 24.39 14.02
N GLN B 30 -4.19 23.30 13.39
CA GLN B 30 -4.18 21.99 14.03
C GLN B 30 -2.81 21.30 14.00
N LEU B 31 -1.94 21.72 13.09
CA LEU B 31 -0.61 21.15 12.96
C LEU B 31 0.15 21.25 14.26
N THR B 32 0.87 20.18 14.59
CA THR B 32 1.68 20.14 15.81
C THR B 32 3.12 20.41 15.43
N ASP B 33 4.00 20.45 16.41
CA ASP B 33 5.41 20.69 16.14
C ASP B 33 6.02 19.38 15.69
N ASP B 34 5.80 18.34 16.48
CA ASP B 34 6.30 17.01 16.15
C ASP B 34 5.17 16.25 15.43
N PRO B 35 5.37 15.93 14.14
CA PRO B 35 4.33 15.22 13.40
C PRO B 35 3.78 14.05 14.19
N ILE B 36 4.64 13.44 15.00
CA ILE B 36 4.25 12.30 15.81
C ILE B 36 3.05 12.59 16.69
N ASP B 37 2.90 13.86 17.08
CA ASP B 37 1.77 14.24 17.92
C ASP B 37 0.50 14.11 17.11
N LEU B 38 0.47 14.80 15.96
CA LEU B 38 -0.69 14.75 15.11
C LEU B 38 -1.01 13.28 14.75
N PHE B 39 0.02 12.43 14.63
CA PHE B 39 -0.25 11.04 14.30
C PHE B 39 -1.06 10.36 15.41
N THR B 40 -0.52 10.39 16.63
CA THR B 40 -1.18 9.78 17.77
C THR B 40 -2.61 10.26 17.91
N LYS B 41 -2.80 11.57 17.78
CA LYS B 41 -4.12 12.18 17.87
C LYS B 41 -5.04 11.49 16.86
N TRP B 42 -4.63 11.48 15.60
CA TRP B 42 -5.38 10.87 14.53
C TRP B 42 -5.58 9.36 14.74
N PHE B 43 -4.53 8.69 15.21
CA PHE B 43 -4.61 7.26 15.43
C PHE B 43 -5.61 6.96 16.54
N ASN B 44 -5.47 7.66 17.67
CA ASN B 44 -6.37 7.47 18.78
C ASN B 44 -7.82 7.68 18.36
N GLU B 45 -8.04 8.68 17.53
CA GLU B 45 -9.39 8.97 17.06
C GLU B 45 -9.90 7.77 16.26
N ALA B 46 -9.03 7.15 15.46
CA ALA B 46 -9.40 5.99 14.65
C ALA B 46 -9.77 4.78 15.52
N LYS B 47 -9.02 4.59 16.60
CA LYS B 47 -9.27 3.50 17.54
C LYS B 47 -10.59 3.79 18.27
N GLU B 48 -10.80 5.07 18.59
CA GLU B 48 -12.02 5.50 19.29
C GLU B 48 -13.21 5.27 18.39
N ASP B 49 -13.03 5.50 17.09
CA ASP B 49 -14.11 5.33 16.14
C ASP B 49 -14.43 3.87 15.88
N PRO B 50 -15.71 3.49 16.07
CA PRO B 50 -16.21 2.13 15.87
C PRO B 50 -16.37 1.80 14.39
N ARG B 51 -16.33 2.84 13.56
CA ARG B 51 -16.43 2.67 12.12
C ARG B 51 -15.13 2.08 11.62
N GLU B 52 -14.03 2.52 12.23
CA GLU B 52 -12.71 2.01 11.89
C GLU B 52 -12.45 0.81 12.80
N THR B 53 -12.64 -0.37 12.22
CA THR B 53 -12.46 -1.63 12.93
C THR B 53 -11.05 -2.22 12.99
N LEU B 54 -10.14 -1.70 12.18
CA LEU B 54 -8.76 -2.20 12.16
C LEU B 54 -7.79 -1.05 11.81
N PRO B 55 -7.76 -0.01 12.66
CA PRO B 55 -6.90 1.15 12.43
C PRO B 55 -5.39 0.94 12.37
N GLU B 56 -4.91 -0.23 12.77
CA GLU B 56 -3.46 -0.48 12.74
C GLU B 56 -3.05 -1.13 11.42
N ALA B 57 -4.03 -1.50 10.60
CA ALA B 57 -3.77 -2.11 9.30
C ALA B 57 -3.10 -1.08 8.40
N ILE B 58 -2.03 -1.49 7.74
CA ILE B 58 -1.28 -0.61 6.86
C ILE B 58 -0.74 -1.36 5.66
N THR B 59 -0.32 -0.62 4.66
CA THR B 59 0.28 -1.23 3.48
C THR B 59 1.77 -0.91 3.60
N PHE B 60 2.58 -1.96 3.72
CA PHE B 60 4.01 -1.78 3.84
C PHE B 60 4.65 -1.99 2.49
N SER B 61 5.13 -0.90 1.90
CA SER B 61 5.76 -0.97 0.60
C SER B 61 7.27 -0.96 0.71
N SER B 62 7.91 -1.74 -0.15
CA SER B 62 9.34 -1.82 -0.17
C SER B 62 9.75 -2.01 -1.62
N ALA B 63 11.04 -1.92 -1.89
CA ALA B 63 11.53 -2.08 -3.24
C ALA B 63 12.96 -2.60 -3.24
N GLU B 64 13.22 -3.48 -4.20
CA GLU B 64 14.52 -4.10 -4.37
C GLU B 64 15.38 -3.08 -5.08
N LEU B 65 16.38 -2.58 -4.35
CA LEU B 65 17.26 -1.51 -4.83
C LEU B 65 17.98 -1.63 -6.13
N PRO B 66 18.62 -2.77 -6.41
CA PRO B 66 19.29 -2.71 -7.72
C PRO B 66 18.26 -2.59 -8.86
N SER B 67 17.41 -3.61 -9.00
CA SER B 67 16.40 -3.67 -10.05
C SER B 67 15.34 -2.58 -10.00
N GLY B 68 14.95 -2.19 -8.80
CA GLY B 68 13.92 -1.16 -8.69
C GLY B 68 12.51 -1.73 -8.77
N ARG B 69 12.37 -3.01 -8.43
CA ARG B 69 11.09 -3.68 -8.45
C ARG B 69 10.38 -3.39 -7.13
N VAL B 70 9.10 -3.01 -7.24
CA VAL B 70 8.31 -2.68 -6.07
C VAL B 70 7.36 -3.78 -5.62
N SER B 71 7.35 -4.03 -4.32
CA SER B 71 6.48 -5.04 -3.75
C SER B 71 5.74 -4.36 -2.60
N SER B 72 4.56 -4.87 -2.27
CA SER B 72 3.77 -4.32 -1.20
C SER B 72 2.83 -5.38 -0.63
N ARG B 73 2.48 -5.23 0.64
CA ARG B 73 1.58 -6.17 1.30
C ARG B 73 0.97 -5.50 2.51
N ILE B 74 -0.08 -6.11 3.05
CA ILE B 74 -0.74 -5.55 4.22
C ILE B 74 -0.11 -6.07 5.50
N LEU B 75 0.06 -5.18 6.48
CA LEU B 75 0.61 -5.57 7.78
C LEU B 75 -0.07 -4.74 8.85
N LEU B 76 0.23 -5.04 10.10
CA LEU B 76 -0.35 -4.30 11.21
C LEU B 76 0.69 -3.40 11.83
N PHE B 77 0.34 -2.16 12.08
CA PHE B 77 1.26 -1.25 12.74
C PHE B 77 1.21 -1.65 14.23
N LYS B 78 2.37 -1.76 14.88
CA LYS B 78 2.40 -2.13 16.30
C LYS B 78 2.44 -0.89 17.20
N GLU B 79 3.50 -0.09 17.08
CA GLU B 79 3.61 1.10 17.91
C GLU B 79 4.83 1.94 17.53
N LEU B 80 4.86 3.16 18.04
CA LEU B 80 6.00 4.02 17.79
C LEU B 80 6.99 3.78 18.93
N ASP B 81 8.24 4.18 18.75
CA ASP B 81 9.23 4.08 19.81
C ASP B 81 10.02 5.37 19.74
N HIS B 82 11.14 5.44 20.45
CA HIS B 82 11.96 6.65 20.47
C HIS B 82 12.35 7.21 19.09
N ARG B 83 12.41 6.36 18.07
CA ARG B 83 12.85 6.80 16.74
C ARG B 83 11.88 6.74 15.55
N GLY B 84 10.96 5.78 15.54
CA GLY B 84 10.05 5.72 14.41
C GLY B 84 8.86 4.78 14.55
N PHE B 85 8.29 4.39 13.42
CA PHE B 85 7.12 3.50 13.37
C PHE B 85 7.56 2.05 13.33
N THR B 86 7.07 1.23 14.24
CA THR B 86 7.47 -0.18 14.25
C THR B 86 6.41 -1.18 13.80
N ILE B 87 6.88 -2.22 13.14
CA ILE B 87 6.01 -3.29 12.64
C ILE B 87 6.73 -4.62 12.88
N TYR B 88 5.98 -5.63 13.31
CA TYR B 88 6.57 -6.95 13.55
C TYR B 88 6.14 -7.97 12.53
N SER B 89 7.11 -8.74 12.05
CA SER B 89 6.88 -9.78 11.06
C SER B 89 8.17 -10.57 10.86
N ASN B 90 8.26 -11.28 9.74
CA ASN B 90 9.44 -12.06 9.40
C ASN B 90 10.31 -11.15 8.55
N TRP B 91 11.43 -10.67 9.10
CA TRP B 91 12.32 -9.79 8.35
C TRP B 91 13.62 -10.48 7.97
N GLY B 92 13.52 -11.78 7.71
CA GLY B 92 14.69 -12.55 7.33
C GLY B 92 14.52 -13.27 6.01
N THR B 93 13.60 -14.22 5.94
CA THR B 93 13.38 -15.01 4.72
C THR B 93 12.30 -14.52 3.74
N SER B 94 11.42 -13.65 4.21
CA SER B 94 10.32 -13.17 3.37
C SER B 94 10.77 -12.22 2.27
N ARG B 95 9.88 -11.99 1.33
CA ARG B 95 10.13 -11.09 0.21
C ARG B 95 10.49 -9.70 0.75
N LYS B 96 9.69 -9.15 1.65
CA LYS B 96 9.98 -7.83 2.22
C LYS B 96 11.36 -7.77 2.86
N ALA B 97 11.80 -8.88 3.43
CA ALA B 97 13.12 -8.95 4.05
C ALA B 97 14.17 -8.79 2.96
N HIS B 98 13.98 -9.49 1.85
CA HIS B 98 14.93 -9.42 0.76
C HIS B 98 14.99 -8.05 0.10
N ASP B 99 13.91 -7.30 0.17
CA ASP B 99 13.89 -5.96 -0.43
C ASP B 99 14.65 -5.01 0.49
N ILE B 100 14.28 -5.06 1.77
CA ILE B 100 14.88 -4.22 2.79
C ILE B 100 16.38 -4.48 2.89
N ALA B 101 16.76 -5.76 2.82
CA ALA B 101 18.14 -6.18 2.90
C ALA B 101 18.99 -5.46 1.87
N THR B 102 18.40 -5.26 0.70
CA THR B 102 19.07 -4.60 -0.42
C THR B 102 18.82 -3.10 -0.44
N ASN B 103 17.82 -2.65 0.30
CA ASN B 103 17.44 -1.24 0.28
C ASN B 103 16.69 -0.83 1.53
N PRO B 104 17.42 -0.30 2.53
CA PRO B 104 16.79 0.13 3.79
C PRO B 104 15.94 1.36 3.64
N ASN B 105 14.84 1.20 2.92
CA ASN B 105 13.89 2.29 2.69
C ASN B 105 12.54 1.60 2.60
N ALA B 106 11.51 2.26 3.13
CA ALA B 106 10.18 1.69 3.09
C ALA B 106 9.16 2.78 3.28
N ALA B 107 7.90 2.45 2.98
CA ALA B 107 6.80 3.38 3.12
C ALA B 107 5.58 2.62 3.61
N ILE B 108 4.76 3.29 4.41
CA ILE B 108 3.56 2.65 4.92
C ILE B 108 2.44 3.67 4.84
N VAL B 109 1.22 3.19 4.58
CA VAL B 109 0.05 4.04 4.51
C VAL B 109 -0.96 3.55 5.52
N PHE B 110 -1.64 4.50 6.14
CA PHE B 110 -2.69 4.19 7.08
C PHE B 110 -3.87 4.77 6.31
N PHE B 111 -4.93 4.00 6.13
CA PHE B 111 -6.08 4.49 5.40
C PHE B 111 -7.35 4.22 6.19
N TRP B 112 -8.00 5.29 6.64
CA TRP B 112 -9.24 5.15 7.39
C TRP B 112 -10.40 5.62 6.53
N LYS B 113 -10.88 4.71 5.68
CA LYS B 113 -11.97 4.96 4.73
C LYS B 113 -13.10 5.86 5.22
N ASP B 114 -13.70 5.49 6.34
CA ASP B 114 -14.81 6.22 6.91
C ASP B 114 -14.44 7.57 7.44
N LEU B 115 -13.26 7.67 8.05
CA LEU B 115 -12.81 8.96 8.56
C LEU B 115 -12.23 9.80 7.42
N GLN B 116 -12.24 9.22 6.22
CA GLN B 116 -11.73 9.88 5.04
C GLN B 116 -10.29 10.40 5.25
N ARG B 117 -9.50 9.64 5.98
CA ARG B 117 -8.13 10.03 6.25
C ARG B 117 -7.11 9.00 5.81
N GLN B 118 -5.94 9.48 5.43
CA GLN B 118 -4.84 8.63 5.02
C GLN B 118 -3.54 9.26 5.51
N VAL B 119 -2.69 8.46 6.14
CA VAL B 119 -1.43 8.97 6.63
C VAL B 119 -0.34 8.21 5.89
N ARG B 120 0.68 8.94 5.43
CA ARG B 120 1.78 8.38 4.68
C ARG B 120 3.11 8.57 5.37
N VAL B 121 3.74 7.47 5.75
CA VAL B 121 5.05 7.56 6.39
C VAL B 121 6.09 7.02 5.41
N GLU B 122 7.17 7.77 5.23
CA GLU B 122 8.24 7.35 4.34
C GLU B 122 9.56 7.66 5.01
N GLY B 123 10.35 6.61 5.26
CA GLY B 123 11.64 6.79 5.90
C GLY B 123 12.58 5.62 5.69
N ILE B 124 13.72 5.64 6.39
CA ILE B 124 14.72 4.57 6.32
C ILE B 124 14.38 3.49 7.34
N THR B 125 14.62 2.24 6.99
CA THR B 125 14.31 1.13 7.88
C THR B 125 15.44 0.72 8.80
N GLU B 126 15.07 0.19 9.95
CA GLU B 126 15.99 -0.26 10.98
C GLU B 126 15.41 -1.46 11.70
N HIS B 127 16.28 -2.39 12.05
CA HIS B 127 15.86 -3.57 12.76
C HIS B 127 15.75 -3.28 14.24
N VAL B 128 14.57 -3.48 14.79
CA VAL B 128 14.33 -3.24 16.20
C VAL B 128 15.22 -4.11 17.08
N ASN B 129 15.45 -3.62 18.30
CA ASN B 129 16.27 -4.29 19.31
C ASN B 129 15.89 -5.77 19.47
N ARG B 130 16.89 -6.66 19.51
CA ARG B 130 16.64 -8.10 19.66
C ARG B 130 15.88 -8.45 20.92
N GLU B 131 16.08 -7.67 21.98
CA GLU B 131 15.36 -7.89 23.23
C GLU B 131 13.88 -7.67 22.98
N THR B 132 13.52 -6.45 22.59
CA THR B 132 12.13 -6.09 22.31
C THR B 132 11.47 -7.11 21.38
N SER B 133 12.19 -7.45 20.32
CA SER B 133 11.70 -8.41 19.34
C SER B 133 11.20 -9.65 20.09
N GLU B 134 12.08 -10.19 20.93
CA GLU B 134 11.76 -11.38 21.72
C GLU B 134 10.64 -11.11 22.72
N ARG B 135 10.74 -9.97 23.43
CA ARG B 135 9.74 -9.58 24.43
C ARG B 135 8.33 -9.65 23.90
N TYR B 136 8.09 -9.01 22.76
CA TYR B 136 6.77 -9.01 22.17
C TYR B 136 6.41 -10.36 21.55
N PHE B 137 7.42 -11.12 21.15
CA PHE B 137 7.16 -12.44 20.58
C PHE B 137 6.54 -13.34 21.66
N LYS B 138 6.97 -13.14 22.90
CA LYS B 138 6.47 -13.91 24.04
C LYS B 138 4.99 -13.67 24.29
N THR B 139 4.58 -12.41 24.20
CA THR B 139 3.18 -12.03 24.40
C THR B 139 2.21 -12.68 23.41
N ARG B 140 2.70 -12.99 22.20
CA ARG B 140 1.88 -13.62 21.18
C ARG B 140 1.35 -14.97 21.65
N PRO B 141 0.15 -15.37 21.18
CA PRO B 141 -0.43 -16.65 21.58
C PRO B 141 0.48 -17.82 21.23
N ARG B 142 0.35 -18.92 21.97
CA ARG B 142 1.18 -20.09 21.73
C ARG B 142 1.04 -20.60 20.30
N GLY B 143 -0.20 -20.68 19.82
CA GLY B 143 -0.42 -21.16 18.46
C GLY B 143 0.41 -20.31 17.52
N SER B 144 0.45 -19.01 17.79
CA SER B 144 1.21 -18.08 16.97
C SER B 144 2.69 -18.35 17.08
N LYS B 145 3.20 -18.35 18.30
CA LYS B 145 4.61 -18.60 18.53
C LYS B 145 5.08 -19.83 17.75
N ILE B 146 4.25 -20.87 17.73
CA ILE B 146 4.59 -22.10 17.01
C ILE B 146 4.52 -21.88 15.50
N GLY B 147 3.50 -21.14 15.08
CA GLY B 147 3.35 -20.86 13.66
C GLY B 147 4.56 -20.16 13.08
N ALA B 148 5.21 -19.31 13.88
CA ALA B 148 6.39 -18.59 13.42
C ALA B 148 7.46 -19.58 12.96
N TRP B 149 7.69 -20.60 13.78
CA TRP B 149 8.67 -21.62 13.50
C TRP B 149 8.35 -22.51 12.30
N ALA B 150 7.12 -23.01 12.27
CA ALA B 150 6.67 -23.89 11.21
C ALA B 150 6.61 -23.28 9.82
N SER B 151 6.22 -22.02 9.75
CA SER B 151 6.09 -21.32 8.47
C SER B 151 7.29 -20.43 8.09
N ARG B 152 7.92 -20.80 6.97
CA ARG B 152 9.04 -20.04 6.44
C ARG B 152 8.41 -19.07 5.45
N GLN B 153 7.85 -17.99 5.98
CA GLN B 153 7.15 -16.97 5.20
C GLN B 153 7.66 -16.72 3.79
N SER B 154 6.73 -16.74 2.84
CA SER B 154 7.00 -16.50 1.43
C SER B 154 7.75 -17.61 0.70
N ASP B 155 8.20 -18.61 1.42
CA ASP B 155 8.92 -19.73 0.81
C ASP B 155 7.89 -20.51 0.02
N VAL B 156 8.34 -21.22 -1.00
CA VAL B 156 7.45 -22.01 -1.82
C VAL B 156 7.21 -23.38 -1.18
N ILE B 157 5.97 -23.84 -1.23
CA ILE B 157 5.59 -25.13 -0.68
C ILE B 157 4.72 -25.94 -1.64
N LYS B 158 4.58 -27.23 -1.36
CA LYS B 158 3.79 -28.11 -2.21
C LYS B 158 2.29 -27.90 -2.06
N ASN B 159 1.83 -27.78 -0.82
CA ASN B 159 0.42 -27.61 -0.56
C ASN B 159 0.16 -27.42 0.93
N ARG B 160 -1.13 -27.44 1.29
CA ARG B 160 -1.55 -27.30 2.69
C ARG B 160 -0.87 -28.39 3.51
N GLU B 161 -0.98 -29.62 3.01
CA GLU B 161 -0.40 -30.77 3.68
C GLU B 161 1.02 -30.47 4.14
N GLU B 162 1.90 -30.11 3.21
CA GLU B 162 3.28 -29.80 3.58
C GLU B 162 3.28 -28.83 4.76
N LEU B 163 2.41 -27.83 4.67
CA LEU B 163 2.25 -26.83 5.71
C LEU B 163 1.88 -27.43 7.06
N ASP B 164 0.79 -28.17 7.10
CA ASP B 164 0.32 -28.80 8.33
C ASP B 164 1.37 -29.74 8.90
N GLU B 165 1.96 -30.56 8.02
CA GLU B 165 2.99 -31.50 8.43
C GLU B 165 3.99 -30.73 9.28
N LEU B 166 4.32 -29.52 8.83
CA LEU B 166 5.26 -28.65 9.53
C LEU B 166 4.68 -28.14 10.84
N THR B 167 3.42 -27.73 10.81
CA THR B 167 2.76 -27.24 12.02
C THR B 167 2.80 -28.37 13.05
N GLN B 168 2.20 -29.50 12.69
CA GLN B 168 2.17 -30.68 13.56
C GLN B 168 3.55 -30.99 14.13
N LYS B 169 4.54 -31.14 13.25
CA LYS B 169 5.91 -31.42 13.66
C LYS B 169 6.38 -30.42 14.73
N ASN B 170 6.16 -29.13 14.48
CA ASN B 170 6.57 -28.09 15.42
C ASN B 170 5.74 -28.09 16.69
N THR B 171 4.44 -28.28 16.54
CA THR B 171 3.57 -28.31 17.70
C THR B 171 4.07 -29.44 18.60
N GLU B 172 4.50 -30.54 17.98
CA GLU B 172 5.02 -31.69 18.70
C GLU B 172 6.45 -31.38 19.16
N ARG B 173 7.20 -30.67 18.31
CA ARG B 173 8.58 -30.30 18.63
C ARG B 173 8.65 -29.48 19.90
N PHE B 174 7.76 -28.49 20.02
CA PHE B 174 7.72 -27.61 21.20
C PHE B 174 6.66 -28.01 22.22
N LYS B 175 6.07 -29.20 22.05
CA LYS B 175 5.05 -29.70 22.97
C LYS B 175 5.58 -29.73 24.41
N ASP B 176 6.78 -30.25 24.58
CA ASP B 176 7.42 -30.31 25.88
C ASP B 176 8.22 -29.03 26.09
N ALA B 177 7.52 -27.92 26.30
CA ALA B 177 8.17 -26.62 26.49
C ALA B 177 7.18 -25.52 26.90
N GLU B 178 7.43 -24.89 28.04
CA GLU B 178 6.58 -23.82 28.54
C GLU B 178 6.53 -22.67 27.52
N ASP B 179 7.57 -21.83 27.54
CA ASP B 179 7.66 -20.69 26.62
C ASP B 179 8.38 -21.09 25.33
N ILE B 180 7.81 -20.75 24.18
CA ILE B 180 8.40 -21.08 22.88
C ILE B 180 9.41 -20.01 22.48
N PRO B 181 10.62 -20.42 22.03
CA PRO B 181 11.69 -19.50 21.62
C PRO B 181 11.39 -18.70 20.35
N CYS B 182 12.03 -17.55 20.21
CA CYS B 182 11.82 -16.67 19.07
C CYS B 182 12.75 -16.95 17.91
N PRO B 183 12.21 -17.12 16.70
CA PRO B 183 13.09 -17.39 15.56
C PRO B 183 13.95 -16.19 15.25
N ASP B 184 15.14 -16.44 14.70
CA ASP B 184 16.05 -15.38 14.36
C ASP B 184 15.46 -14.46 13.31
N TYR B 185 14.69 -15.04 12.38
CA TYR B 185 14.08 -14.27 11.30
C TYR B 185 12.83 -13.48 11.66
N TRP B 186 12.29 -13.71 12.86
CA TRP B 186 11.12 -12.96 13.30
C TRP B 186 11.57 -11.84 14.22
N GLY B 187 10.81 -10.74 14.24
CA GLY B 187 11.15 -9.62 15.09
C GLY B 187 10.54 -8.32 14.58
N GLY B 188 10.99 -7.22 15.15
CA GLY B 188 10.47 -5.92 14.75
C GLY B 188 11.44 -5.15 13.86
N LEU B 189 10.88 -4.22 13.10
CA LEU B 189 11.65 -3.36 12.20
C LEU B 189 10.97 -2.01 12.35
N ARG B 190 11.74 -0.93 12.30
CA ARG B 190 11.17 0.39 12.45
C ARG B 190 11.49 1.27 11.27
N ILE B 191 10.58 2.19 10.98
CA ILE B 191 10.77 3.13 9.89
C ILE B 191 11.03 4.47 10.54
N VAL B 192 12.20 5.04 10.26
CA VAL B 192 12.57 6.34 10.78
C VAL B 192 12.10 7.28 9.69
N PRO B 193 11.01 8.02 9.96
CA PRO B 193 10.39 8.96 9.03
C PRO B 193 11.22 10.12 8.49
N LEU B 194 11.07 10.36 7.19
CA LEU B 194 11.75 11.46 6.51
C LEU B 194 10.64 12.26 5.88
N GLU B 195 9.46 11.64 5.81
CA GLU B 195 8.28 12.27 5.25
C GLU B 195 7.05 11.65 5.83
N ILE B 196 6.18 12.48 6.38
CA ILE B 196 4.92 12.03 6.94
C ILE B 196 3.85 12.94 6.33
N GLU B 197 2.85 12.36 5.69
CA GLU B 197 1.80 13.17 5.11
C GLU B 197 0.46 12.92 5.74
N PHE B 198 -0.23 14.01 6.06
CA PHE B 198 -1.56 13.93 6.63
C PHE B 198 -2.51 14.39 5.53
N TRP B 199 -3.34 13.45 5.07
CA TRP B 199 -4.29 13.69 4.01
C TRP B 199 -5.69 13.59 4.61
N GLN B 200 -6.54 14.57 4.31
CA GLN B 200 -7.92 14.58 4.81
C GLN B 200 -8.81 14.88 3.62
N GLY B 201 -9.63 13.92 3.23
CA GLY B 201 -10.49 14.10 2.07
C GLY B 201 -11.78 14.85 2.30
N ARG B 202 -12.21 15.58 1.27
CA ARG B 202 -13.43 16.37 1.28
C ARG B 202 -14.19 16.01 0.02
N PRO B 203 -15.49 15.69 0.13
CA PRO B 203 -16.28 15.33 -1.04
C PRO B 203 -16.07 16.32 -2.17
N SER B 204 -15.52 17.48 -1.82
CA SER B 204 -15.24 18.53 -2.79
C SER B 204 -14.06 18.19 -3.67
N ARG B 205 -13.36 17.10 -3.31
CA ARG B 205 -12.16 16.63 -4.01
C ARG B 205 -10.93 17.49 -3.74
N LEU B 206 -11.14 18.60 -3.04
CA LEU B 206 -10.06 19.52 -2.68
C LEU B 206 -9.59 19.16 -1.28
N HIS B 207 -9.06 17.96 -1.13
CA HIS B 207 -8.58 17.47 0.15
C HIS B 207 -7.48 18.32 0.77
N ASP B 208 -7.39 18.25 2.09
CA ASP B 208 -6.36 18.98 2.84
C ASP B 208 -5.13 18.08 2.89
N ARG B 209 -4.02 18.59 2.39
CA ARG B 209 -2.77 17.83 2.36
C ARG B 209 -1.65 18.57 3.06
N PHE B 210 -1.00 17.92 4.02
CA PHE B 210 0.11 18.52 4.75
C PHE B 210 1.18 17.47 4.84
N VAL B 211 2.41 17.85 4.54
CA VAL B 211 3.48 16.89 4.62
C VAL B 211 4.69 17.41 5.35
N TYR B 212 5.12 16.66 6.37
CA TYR B 212 6.29 17.00 7.17
C TYR B 212 7.52 16.35 6.51
N ARG B 213 8.63 17.08 6.41
CA ARG B 213 9.85 16.51 5.82
C ARG B 213 11.16 17.01 6.40
N ARG B 214 12.16 16.13 6.38
CA ARG B 214 13.51 16.42 6.81
C ARG B 214 14.38 15.51 5.96
N LYS B 215 15.37 16.10 5.29
CA LYS B 215 16.25 15.33 4.42
C LYS B 215 16.96 14.25 5.25
N THR B 216 17.18 14.58 6.51
CA THR B 216 17.90 13.70 7.40
C THR B 216 17.18 13.58 8.72
N GLU B 217 17.46 12.46 9.39
CA GLU B 217 16.89 12.19 10.69
C GLU B 217 17.36 13.25 11.70
N ASN B 218 18.33 14.06 11.28
CA ASN B 218 18.88 15.11 12.14
C ASN B 218 18.57 16.50 11.60
N ASP B 219 17.56 16.59 10.74
CA ASP B 219 17.17 17.88 10.17
C ASP B 219 15.79 18.25 10.72
N PRO B 220 15.62 19.51 11.11
CA PRO B 220 14.33 19.93 11.64
C PRO B 220 13.21 19.64 10.65
N TRP B 221 12.08 19.18 11.17
CA TRP B 221 10.91 18.86 10.38
C TRP B 221 10.42 20.14 9.68
N LYS B 222 9.81 20.01 8.50
CA LYS B 222 9.29 21.18 7.76
C LYS B 222 7.91 20.90 7.20
N VAL B 223 6.90 21.66 7.63
CA VAL B 223 5.55 21.43 7.13
C VAL B 223 5.21 22.28 5.93
N VAL B 224 4.43 21.70 5.02
CA VAL B 224 4.04 22.38 3.81
C VAL B 224 2.69 21.83 3.31
N ARG B 225 1.96 22.65 2.55
CA ARG B 225 0.66 22.29 2.01
C ARG B 225 0.80 21.83 0.58
N LEU B 226 0.29 20.65 0.29
CA LEU B 226 0.38 20.10 -1.05
C LEU B 226 -0.96 20.17 -1.77
N ALA B 227 -0.90 20.37 -3.08
CA ALA B 227 -2.10 20.42 -3.90
C ALA B 227 -2.64 18.99 -3.94
N PRO B 228 -3.97 18.82 -3.83
CA PRO B 228 -4.58 17.49 -3.85
C PRO B 228 -4.58 16.91 -5.24
N1 FMN C . -5.63 10.79 -6.58
C2 FMN C . -5.70 10.84 -7.94
O2 FMN C . -4.97 11.51 -8.62
N3 FMN C . -6.68 10.05 -8.61
C4 FMN C . -7.57 9.23 -8.00
O4 FMN C . -8.38 8.59 -8.68
C4A FMN C . -7.50 9.17 -6.53
N5 FMN C . -8.32 8.40 -5.84
C5A FMN C . -8.21 8.38 -4.46
C6 FMN C . -9.09 7.52 -3.69
C7 FMN C . -9.04 7.43 -2.33
C7M FMN C . -9.98 6.52 -1.53
C8 FMN C . -8.07 8.23 -1.58
C8M FMN C . -7.98 8.16 -0.08
C9 FMN C . -7.22 9.05 -2.30
C9A FMN C . -7.24 9.16 -3.71
N10 FMN C . -6.39 9.98 -4.49
C10 FMN C . -6.46 10.02 -5.88
C1' FMN C . -5.37 10.85 -3.87
C2' FMN C . -4.07 10.18 -3.49
O2' FMN C . -4.24 9.18 -2.49
C3' FMN C . -3.09 11.21 -2.90
O3' FMN C . -3.64 12.57 -2.98
C4' FMN C . -1.75 11.18 -3.57
O4' FMN C . -0.93 12.17 -2.92
C5' FMN C . -1.71 11.50 -5.05
O5' FMN C . -0.35 11.42 -5.62
P FMN C . 1.10 11.58 -4.89
O1P FMN C . 1.32 10.48 -3.89
O2P FMN C . 1.20 12.94 -4.29
O3P FMN C . 2.07 11.37 -6.10
N1 FMN D . 2.26 -10.85 7.82
C2 FMN D . 3.19 -10.80 8.82
O2 FMN D . 4.27 -11.29 8.74
N3 FMN D . 2.86 -10.09 10.02
C4 FMN D . 1.67 -9.48 10.28
O4 FMN D . 1.48 -8.89 11.36
C4A FMN D . 0.69 -9.54 9.20
N5 FMN D . -0.50 -8.97 9.35
C5A FMN D . -1.39 -9.04 8.32
C6 FMN D . -2.69 -8.40 8.45
C7 FMN D . -3.64 -8.41 7.48
C7M FMN D . -4.99 -7.71 7.66
C8 FMN D . -3.35 -9.09 6.20
C8M FMN D . -4.36 -9.11 5.09
C9 FMN D . -2.12 -9.71 6.07
C9A FMN D . -1.13 -9.72 7.07
N10 FMN D . 0.16 -10.33 6.97
C10 FMN D . 1.09 -10.27 7.97
C1' FMN D . 0.54 -11.06 5.76
C2' FMN D . 1.26 -10.18 4.76
O2' FMN D . 0.48 -9.10 4.28
C3' FMN D . 1.66 -10.98 3.52
O3' FMN D . 1.43 -12.42 3.70
C4' FMN D . 3.06 -10.75 3.11
O4' FMN D . 3.26 -11.55 1.93
C5' FMN D . 4.12 -11.16 4.11
O5' FMN D . 5.49 -10.89 3.63
P FMN D . 6.06 -10.91 2.09
O1P FMN D . 5.42 -9.81 1.30
O2P FMN D . 5.80 -12.26 1.49
O3P FMN D . 7.57 -10.54 2.29
#